data_6NCS
#
_entry.id   6NCS
#
_cell.length_a   69.880
_cell.length_b   49.120
_cell.length_c   88.850
_cell.angle_alpha   90.000
_cell.angle_beta   112.410
_cell.angle_gamma   90.000
#
_symmetry.space_group_name_H-M   'P 1 21 1'
#
loop_
_entity.id
_entity.type
_entity.pdbx_description
1 polymer 'N-acetylneuraminic acid (Sialic acid) synthetase'
2 non-polymer 'MANGANESE (II) ION'
3 non-polymer 'CITRIC ACID'
4 non-polymer 'ACETATE ION'
5 non-polymer 'FORMIC ACID'
6 non-polymer 'D(-)-TARTARIC ACID'
7 non-polymer 'IODIDE ION'
8 water water
#
_entity_poly.entity_id   1
_entity_poly.type   'polypeptide(L)'
_entity_poly.pdbx_seq_one_letter_code
;MAHHHHHHMSQEITLGNIKIGGNNPVFIIAEAGLNHGGDLNLALRMIDEAADAKANAIKFQAYNSEERFGENKEAVNLVK
PAEFGKKEFLLLKERSQKKNILFFATPFDVPNLNMLKEIGVEILKIASCDICNITLLEAAADSGLIVILSRGTASASEIE
TAVSIFKKKKSPFILLHCVSSYPMNEIDANLSAIQTLKSKYEFPIGYSDHSKGIEIPLLAVASGAEIIEKHYTVDRTLQG
IDWEISAEPKELAKLVTETERIRKILGHGKLEPQASEQEEIEYRNSLRRK
;
_entity_poly.pdbx_strand_id   A,B
#
# COMPACT_ATOMS: atom_id res chain seq x y z
N HIS A 6 -2.31 -2.12 -13.97
CA HIS A 6 -2.99 -2.83 -12.91
C HIS A 6 -3.97 -3.81 -13.53
N HIS A 7 -4.43 -4.79 -12.76
CA HIS A 7 -5.61 -5.50 -13.21
CA HIS A 7 -5.63 -5.57 -13.05
C HIS A 7 -6.85 -4.68 -12.89
N HIS A 8 -7.09 -4.37 -11.61
CA HIS A 8 -8.21 -3.53 -11.22
C HIS A 8 -7.95 -2.09 -11.65
N MET A 9 -8.89 -1.53 -12.39
CA MET A 9 -8.90 -0.11 -12.70
C MET A 9 -10.31 0.39 -12.40
N SER A 10 -10.43 1.43 -11.58
CA SER A 10 -11.74 1.97 -11.29
C SER A 10 -12.26 2.72 -12.51
N GLN A 11 -13.58 2.79 -12.62
CA GLN A 11 -14.20 3.56 -13.68
C GLN A 11 -13.98 5.04 -13.43
N GLU A 12 -13.26 5.71 -14.32
CA GLU A 12 -12.87 7.07 -14.05
C GLU A 12 -14.07 8.02 -14.12
N ILE A 13 -14.02 9.06 -13.33
CA ILE A 13 -15.00 10.13 -13.36
C ILE A 13 -14.35 11.32 -14.04
N THR A 14 -14.84 11.66 -15.23
CA THR A 14 -14.29 12.75 -16.02
C THR A 14 -15.38 13.79 -16.19
N LEU A 15 -15.14 14.99 -15.68
CA LEU A 15 -16.03 16.13 -15.88
C LEU A 15 -15.14 17.30 -16.28
N GLY A 16 -14.96 17.50 -17.59
CA GLY A 16 -14.01 18.50 -18.05
C GLY A 16 -12.62 18.14 -17.56
N ASN A 17 -11.97 19.06 -16.87
CA ASN A 17 -10.62 18.76 -16.38
C ASN A 17 -10.63 17.94 -15.10
N ILE A 18 -11.79 17.75 -14.47
CA ILE A 18 -11.93 16.79 -13.37
C ILE A 18 -11.73 15.39 -13.94
N LYS A 19 -10.74 14.66 -13.42
CA LYS A 19 -10.45 13.31 -13.92
C LYS A 19 -9.96 12.47 -12.75
N ILE A 20 -10.88 11.69 -12.17
CA ILE A 20 -10.66 11.00 -10.89
C ILE A 20 -10.82 9.51 -11.12
N GLY A 21 -9.90 8.73 -10.54
CA GLY A 21 -9.95 7.29 -10.69
C GLY A 21 -9.23 6.84 -11.96
N GLY A 22 -9.45 5.56 -12.31
CA GLY A 22 -8.78 5.01 -13.47
C GLY A 22 -7.28 5.10 -13.28
N ASN A 23 -6.56 5.52 -14.31
CA ASN A 23 -5.12 5.72 -14.16
C ASN A 23 -4.76 7.20 -14.02
N ASN A 24 -5.64 8.00 -13.43
CA ASN A 24 -5.39 9.41 -13.23
C ASN A 24 -4.61 9.63 -11.94
N PRO A 25 -3.98 10.80 -11.79
CA PRO A 25 -3.34 11.14 -10.52
C PRO A 25 -4.33 11.05 -9.37
N VAL A 26 -3.77 10.82 -8.17
CA VAL A 26 -4.56 10.91 -6.95
C VAL A 26 -5.11 12.32 -6.82
N PHE A 27 -6.41 12.42 -6.57
CA PHE A 27 -7.10 13.69 -6.39
C PHE A 27 -7.02 14.06 -4.92
N ILE A 28 -6.38 15.20 -4.61
CA ILE A 28 -6.09 15.59 -3.23
C ILE A 28 -6.97 16.77 -2.82
N ILE A 29 -7.73 16.59 -1.74
CA ILE A 29 -8.69 17.56 -1.24
C ILE A 29 -8.17 18.12 0.07
N ALA A 30 -8.04 19.44 0.15
CA ALA A 30 -7.72 20.13 1.39
C ALA A 30 -9.05 20.46 2.08
N GLU A 31 -9.31 19.85 3.25
CA GLU A 31 -10.56 20.08 3.96
C GLU A 31 -10.36 21.30 4.86
N ALA A 32 -10.80 22.46 4.39
CA ALA A 32 -10.76 23.66 5.21
C ALA A 32 -11.74 23.54 6.37
N GLY A 33 -12.84 22.83 6.15
CA GLY A 33 -13.77 22.49 7.22
C GLY A 33 -14.30 23.74 7.88
N LEU A 34 -14.12 23.82 9.20
CA LEU A 34 -14.53 24.98 9.99
C LEU A 34 -13.34 25.76 10.52
N ASN A 35 -12.13 25.44 10.07
CA ASN A 35 -10.92 25.98 10.71
C ASN A 35 -10.77 27.49 10.51
N HIS A 36 -11.44 28.06 9.51
CA HIS A 36 -11.41 29.51 9.33
C HIS A 36 -12.21 30.26 10.39
N GLY A 37 -13.07 29.56 11.14
CA GLY A 37 -13.79 30.21 12.21
C GLY A 37 -14.81 31.23 11.78
N GLY A 38 -15.21 31.22 10.51
CA GLY A 38 -16.11 32.22 9.98
C GLY A 38 -15.44 33.50 9.52
N ASP A 39 -14.11 33.55 9.56
CA ASP A 39 -13.34 34.71 9.09
C ASP A 39 -13.21 34.57 7.58
N LEU A 40 -13.89 35.45 6.83
CA LEU A 40 -13.90 35.30 5.38
C LEU A 40 -12.51 35.54 4.78
N ASN A 41 -11.79 36.54 5.29
CA ASN A 41 -10.44 36.80 4.77
C ASN A 41 -9.51 35.64 5.05
N LEU A 42 -9.70 34.95 6.18
CA LEU A 42 -8.88 33.78 6.47
C LEU A 42 -9.21 32.65 5.51
N ALA A 43 -10.50 32.45 5.22
CA ALA A 43 -10.88 31.42 4.26
C ALA A 43 -10.30 31.70 2.89
N LEU A 44 -10.29 32.98 2.47
CA LEU A 44 -9.68 33.33 1.19
C LEU A 44 -8.19 33.05 1.20
N ARG A 45 -7.51 33.37 2.31
CA ARG A 45 -6.10 33.03 2.45
C ARG A 45 -5.87 31.53 2.39
N MET A 46 -6.79 30.74 2.96
CA MET A 46 -6.65 29.29 2.90
C MET A 46 -6.69 28.81 1.46
N ILE A 47 -7.56 29.41 0.65
CA ILE A 47 -7.63 29.06 -0.78
C ILE A 47 -6.30 29.37 -1.46
N ASP A 48 -5.80 30.59 -1.28
CA ASP A 48 -4.54 30.98 -1.90
C ASP A 48 -3.43 29.99 -1.58
N GLU A 49 -3.27 29.63 -0.30
CA GLU A 49 -2.13 28.81 0.07
C GLU A 49 -2.34 27.34 -0.27
N ALA A 50 -3.60 26.89 -0.34
CA ALA A 50 -3.88 25.55 -0.83
C ALA A 50 -3.59 25.42 -2.32
N ALA A 51 -3.88 26.48 -3.07
CA ALA A 51 -3.55 26.47 -4.50
C ALA A 51 -2.04 26.48 -4.68
N ASP A 52 -1.33 27.26 -3.87
CA ASP A 52 0.12 27.29 -3.94
C ASP A 52 0.74 25.93 -3.60
N ALA A 53 0.10 25.16 -2.71
CA ALA A 53 0.56 23.82 -2.36
C ALA A 53 0.24 22.78 -3.43
N LYS A 54 -0.56 23.15 -4.42
CA LYS A 54 -0.96 22.33 -5.57
C LYS A 54 -1.94 21.22 -5.18
N ALA A 55 -2.74 21.45 -4.14
CA ALA A 55 -3.91 20.61 -3.91
C ALA A 55 -4.88 20.72 -5.07
N ASN A 56 -5.59 19.64 -5.37
CA ASN A 56 -6.53 19.68 -6.48
C ASN A 56 -7.79 20.45 -6.13
N ALA A 57 -8.20 20.40 -4.88
CA ALA A 57 -9.47 20.98 -4.48
C ALA A 57 -9.38 21.48 -3.04
N ILE A 58 -10.20 22.47 -2.70
CA ILE A 58 -10.39 22.89 -1.31
C ILE A 58 -11.87 22.82 -0.98
N LYS A 59 -12.19 22.27 0.18
CA LYS A 59 -13.55 21.92 0.56
C LYS A 59 -13.96 22.69 1.81
N PHE A 60 -15.20 23.18 1.83
CA PHE A 60 -15.77 23.92 2.96
C PHE A 60 -17.00 23.15 3.46
N GLN A 61 -17.66 23.68 4.48
CA GLN A 61 -18.85 23.04 5.05
C GLN A 61 -20.01 24.03 5.04
N ALA A 62 -21.16 23.55 4.57
CA ALA A 62 -22.37 24.37 4.43
C ALA A 62 -23.46 23.78 5.32
N TYR A 63 -23.77 24.46 6.42
CA TYR A 63 -24.60 23.84 7.45
C TYR A 63 -25.33 24.91 8.24
N ASN A 64 -26.37 24.48 8.93
CA ASN A 64 -27.01 25.24 10.00
C ASN A 64 -26.65 24.57 11.32
N SER A 65 -26.11 25.35 12.26
CA SER A 65 -25.58 24.78 13.50
C SER A 65 -26.65 24.01 14.26
N GLU A 66 -27.83 24.61 14.44
CA GLU A 66 -28.89 23.97 15.20
C GLU A 66 -29.38 22.70 14.52
N GLU A 67 -29.50 22.71 13.19
CA GLU A 67 -29.88 21.50 12.48
C GLU A 67 -28.83 20.42 12.67
N ARG A 68 -27.56 20.80 12.67
CA ARG A 68 -26.48 19.84 12.69
C ARG A 68 -26.29 19.21 14.06
N PHE A 69 -26.46 19.99 15.13
CA PHE A 69 -26.12 19.50 16.46
C PHE A 69 -27.26 19.48 17.46
N GLY A 70 -28.42 20.03 17.12
CA GLY A 70 -29.61 19.85 17.95
C GLY A 70 -29.42 20.44 19.34
N GLU A 71 -29.62 19.60 20.35
CA GLU A 71 -29.63 20.04 21.74
C GLU A 71 -28.24 20.15 22.35
N ASN A 72 -27.18 19.78 21.63
CA ASN A 72 -25.81 19.96 22.11
C ASN A 72 -25.48 21.45 22.02
N LYS A 73 -25.87 22.19 23.05
CA LYS A 73 -25.74 23.65 23.01
C LYS A 73 -24.29 24.09 22.87
N GLU A 74 -23.35 23.35 23.46
CA GLU A 74 -21.95 23.75 23.36
C GLU A 74 -21.43 23.58 21.95
N ALA A 75 -21.79 22.48 21.28
CA ALA A 75 -21.40 22.30 19.89
C ALA A 75 -22.03 23.38 19.01
N VAL A 76 -23.30 23.70 19.24
CA VAL A 76 -23.95 24.76 18.48
C VAL A 76 -23.17 26.07 18.62
N ASN A 77 -22.90 26.48 19.86
CA ASN A 77 -22.17 27.73 20.09
C ASN A 77 -20.78 27.70 19.46
N LEU A 78 -20.14 26.53 19.45
CA LEU A 78 -18.79 26.43 18.89
C LEU A 78 -18.79 26.65 17.39
N VAL A 79 -19.75 26.07 16.67
CA VAL A 79 -19.72 26.12 15.21
C VAL A 79 -20.57 27.25 14.64
N LYS A 80 -21.40 27.90 15.45
CA LYS A 80 -22.19 29.02 14.96
C LYS A 80 -21.36 30.10 14.27
N PRO A 81 -20.22 30.55 14.82
CA PRO A 81 -19.47 31.62 14.14
C PRO A 81 -18.89 31.22 12.80
N ALA A 82 -18.70 29.93 12.54
CA ALA A 82 -18.05 29.47 11.32
C ALA A 82 -19.04 29.24 10.19
N GLU A 83 -20.31 29.55 10.37
CA GLU A 83 -21.29 29.40 9.30
C GLU A 83 -20.98 30.39 8.18
N PHE A 84 -20.98 29.90 6.95
CA PHE A 84 -20.95 30.74 5.76
C PHE A 84 -22.25 30.59 5.00
N GLY A 85 -22.62 31.64 4.27
CA GLY A 85 -23.82 31.57 3.45
C GLY A 85 -23.50 31.76 1.98
N LYS A 86 -24.56 31.86 1.16
CA LYS A 86 -24.38 31.93 -0.28
C LYS A 86 -23.40 33.03 -0.69
N LYS A 87 -23.52 34.22 -0.08
CA LYS A 87 -22.66 35.34 -0.48
C LYS A 87 -21.19 35.02 -0.25
N GLU A 88 -20.87 34.37 0.87
CA GLU A 88 -19.48 34.03 1.14
C GLU A 88 -19.01 32.90 0.23
N PHE A 89 -19.84 31.87 0.04
CA PHE A 89 -19.44 30.76 -0.81
C PHE A 89 -19.20 31.21 -2.24
N LEU A 90 -19.96 32.22 -2.71
CA LEU A 90 -19.72 32.76 -4.04
C LEU A 90 -18.35 33.43 -4.13
N LEU A 91 -17.97 34.19 -3.10
CA LEU A 91 -16.64 34.80 -3.07
C LEU A 91 -15.54 33.75 -2.99
N LEU A 92 -15.76 32.69 -2.20
CA LEU A 92 -14.78 31.62 -2.10
C LEU A 92 -14.66 30.84 -3.41
N LYS A 93 -15.79 30.57 -4.07
CA LYS A 93 -15.74 29.90 -5.37
C LYS A 93 -15.00 30.75 -6.39
N GLU A 94 -15.21 32.07 -6.34
CA GLU A 94 -14.57 32.96 -7.31
CA GLU A 94 -14.56 32.96 -7.31
C GLU A 94 -13.06 32.99 -7.11
N ARG A 95 -12.61 33.10 -5.85
CA ARG A 95 -11.18 33.07 -5.58
C ARG A 95 -10.57 31.74 -5.99
N SER A 96 -11.30 30.65 -5.76
CA SER A 96 -10.81 29.33 -6.15
C SER A 96 -10.61 29.24 -7.66
N GLN A 97 -11.58 29.73 -8.43
CA GLN A 97 -11.42 29.70 -9.89
CA GLN A 97 -11.43 29.70 -9.88
C GLN A 97 -10.23 30.53 -10.33
N LYS A 98 -10.04 31.70 -9.70
CA LYS A 98 -8.92 32.57 -10.03
C LYS A 98 -7.58 31.91 -9.76
N LYS A 99 -7.51 31.09 -8.71
CA LYS A 99 -6.28 30.43 -8.31
C LYS A 99 -6.13 29.03 -8.88
N ASN A 100 -7.06 28.62 -9.75
CA ASN A 100 -7.02 27.32 -10.41
CA ASN A 100 -7.05 27.30 -10.41
C ASN A 100 -7.01 26.16 -9.40
N ILE A 101 -7.89 26.24 -8.40
CA ILE A 101 -8.11 25.12 -7.50
C ILE A 101 -9.62 24.90 -7.46
N LEU A 102 -10.04 23.64 -7.39
CA LEU A 102 -11.48 23.36 -7.40
C LEU A 102 -12.11 23.69 -6.04
N PHE A 103 -13.24 24.40 -6.05
CA PHE A 103 -13.99 24.70 -4.83
C PHE A 103 -15.18 23.75 -4.73
N PHE A 104 -15.41 23.18 -3.54
CA PHE A 104 -16.71 22.55 -3.29
C PHE A 104 -16.94 22.52 -1.77
N ALA A 105 -18.04 21.90 -1.36
CA ALA A 105 -18.38 21.95 0.05
C ALA A 105 -19.23 20.74 0.41
N THR A 106 -19.32 20.52 1.71
CA THR A 106 -20.18 19.48 2.27
C THR A 106 -21.47 20.12 2.73
N PRO A 107 -22.61 19.85 2.09
CA PRO A 107 -23.88 20.29 2.67
C PRO A 107 -24.31 19.34 3.78
N PHE A 108 -24.93 19.91 4.81
CA PHE A 108 -25.43 19.10 5.92
C PHE A 108 -26.94 19.04 5.94
N ASP A 109 -27.61 19.72 5.01
CA ASP A 109 -29.05 19.61 4.87
C ASP A 109 -29.41 19.95 3.44
N VAL A 110 -30.68 19.78 3.10
CA VAL A 110 -31.13 19.95 1.72
C VAL A 110 -31.11 21.42 1.31
N PRO A 111 -31.50 22.38 2.16
CA PRO A 111 -31.38 23.79 1.74
C PRO A 111 -29.96 24.18 1.37
N ASN A 112 -28.97 23.71 2.13
CA ASN A 112 -27.58 24.03 1.80
C ASN A 112 -27.15 23.30 0.52
N LEU A 113 -27.59 22.07 0.32
CA LEU A 113 -27.28 21.36 -0.92
C LEU A 113 -27.84 22.12 -2.11
N ASN A 114 -29.11 22.56 -2.03
CA ASN A 114 -29.70 23.31 -3.13
C ASN A 114 -28.92 24.58 -3.41
N MET A 115 -28.45 25.26 -2.35
CA MET A 115 -27.68 26.48 -2.53
C MET A 115 -26.38 26.18 -3.25
N LEU A 116 -25.71 25.09 -2.89
CA LEU A 116 -24.45 24.77 -3.52
C LEU A 116 -24.65 24.46 -5.00
N LYS A 117 -25.72 23.74 -5.35
CA LYS A 117 -25.97 23.48 -6.76
C LYS A 117 -26.28 24.77 -7.51
N GLU A 118 -27.00 25.69 -6.85
CA GLU A 118 -27.39 26.94 -7.51
C GLU A 118 -26.18 27.80 -7.83
N ILE A 119 -25.18 27.82 -6.95
CA ILE A 119 -23.98 28.62 -7.23
C ILE A 119 -23.04 27.90 -8.18
N GLY A 120 -23.39 26.70 -8.61
CA GLY A 120 -22.67 26.04 -9.68
C GLY A 120 -21.58 25.07 -9.27
N VAL A 121 -21.59 24.56 -8.04
CA VAL A 121 -20.61 23.53 -7.70
C VAL A 121 -20.88 22.29 -8.54
N GLU A 122 -19.82 21.55 -8.86
CA GLU A 122 -19.94 20.34 -9.67
C GLU A 122 -19.75 19.07 -8.86
N ILE A 123 -19.27 19.17 -7.62
CA ILE A 123 -19.03 18.04 -6.73
C ILE A 123 -19.67 18.34 -5.38
N LEU A 124 -20.29 17.33 -4.78
CA LEU A 124 -20.78 17.39 -3.41
C LEU A 124 -20.04 16.38 -2.55
N LYS A 125 -19.65 16.79 -1.35
CA LYS A 125 -19.16 15.85 -0.35
C LYS A 125 -20.27 15.58 0.65
N ILE A 126 -20.45 14.31 1.04
CA ILE A 126 -21.39 13.95 2.10
C ILE A 126 -20.57 13.38 3.25
N ALA A 127 -20.74 13.96 4.44
CA ALA A 127 -19.96 13.64 5.61
C ALA A 127 -20.27 12.23 6.11
N SER A 128 -19.31 11.65 6.85
CA SER A 128 -19.49 10.30 7.38
C SER A 128 -20.74 10.21 8.23
N CYS A 129 -20.99 11.20 9.07
CA CYS A 129 -22.14 11.17 9.96
C CYS A 129 -23.46 11.16 9.21
N ASP A 130 -23.46 11.42 7.89
CA ASP A 130 -24.68 11.43 7.11
C ASP A 130 -24.81 10.22 6.21
N ILE A 131 -24.04 9.16 6.48
CA ILE A 131 -24.15 7.97 5.64
C ILE A 131 -25.48 7.25 5.86
N CYS A 132 -26.21 7.59 6.91
CA CYS A 132 -27.56 7.09 7.13
C CYS A 132 -28.60 8.19 7.03
N ASN A 133 -28.23 9.34 6.48
CA ASN A 133 -29.14 10.47 6.30
C ASN A 133 -29.82 10.31 4.94
N ILE A 134 -30.89 9.50 4.92
CA ILE A 134 -31.48 9.07 3.66
C ILE A 134 -31.99 10.25 2.86
N THR A 135 -32.65 11.20 3.53
CA THR A 135 -33.17 12.37 2.82
C THR A 135 -32.05 13.14 2.13
N LEU A 136 -30.93 13.34 2.82
CA LEU A 136 -29.84 14.10 2.22
C LEU A 136 -29.15 13.31 1.11
N LEU A 137 -28.95 12.01 1.32
CA LEU A 137 -28.35 11.18 0.28
C LEU A 137 -29.21 11.16 -0.98
N GLU A 138 -30.53 10.99 -0.81
CA GLU A 138 -31.41 10.98 -1.97
C GLU A 138 -31.38 12.31 -2.70
N ALA A 139 -31.26 13.42 -1.96
CA ALA A 139 -31.19 14.72 -2.62
C ALA A 139 -29.87 14.87 -3.37
N ALA A 140 -28.78 14.36 -2.79
CA ALA A 140 -27.49 14.40 -3.49
C ALA A 140 -27.53 13.55 -4.75
N ALA A 141 -28.12 12.36 -4.67
CA ALA A 141 -28.22 11.50 -5.85
C ALA A 141 -29.08 12.14 -6.94
N ASP A 142 -30.19 12.78 -6.54
CA ASP A 142 -31.09 13.42 -7.51
C ASP A 142 -30.47 14.64 -8.17
N SER A 143 -29.45 15.24 -7.56
CA SER A 143 -28.88 16.48 -8.08
C SER A 143 -28.16 16.26 -9.39
N GLY A 144 -27.68 15.04 -9.65
CA GLY A 144 -26.88 14.77 -10.82
C GLY A 144 -25.42 15.16 -10.69
N LEU A 145 -25.02 15.81 -9.60
CA LEU A 145 -23.64 16.21 -9.42
C LEU A 145 -22.79 15.00 -9.02
N ILE A 146 -21.46 15.18 -9.12
CA ILE A 146 -20.53 14.19 -8.60
C ILE A 146 -20.65 14.17 -7.09
N VAL A 147 -20.70 12.97 -6.50
CA VAL A 147 -20.89 12.84 -5.06
C VAL A 147 -19.72 12.06 -4.50
N ILE A 148 -19.07 12.63 -3.49
CA ILE A 148 -18.06 11.93 -2.70
C ILE A 148 -18.69 11.65 -1.34
N LEU A 149 -18.77 10.38 -0.96
CA LEU A 149 -19.31 9.95 0.33
C LEU A 149 -18.19 9.33 1.15
N SER A 150 -18.07 9.72 2.41
CA SER A 150 -17.17 9.07 3.36
CA SER A 150 -17.16 9.04 3.33
C SER A 150 -17.95 8.10 4.22
N ARG A 151 -17.31 6.98 4.60
CA ARG A 151 -18.02 5.90 5.29
C ARG A 151 -17.58 5.72 6.74
N GLY A 152 -17.03 6.74 7.38
CA GLY A 152 -16.80 6.65 8.82
C GLY A 152 -18.09 6.27 9.51
N THR A 153 -18.01 5.48 10.59
CA THR A 153 -19.10 4.94 11.41
C THR A 153 -19.83 3.75 10.77
N ALA A 154 -19.63 3.43 9.49
CA ALA A 154 -20.59 2.61 8.76
C ALA A 154 -20.15 1.15 8.64
N SER A 155 -21.13 0.26 8.79
CA SER A 155 -20.96 -1.17 8.52
C SER A 155 -21.14 -1.46 7.03
N ALA A 156 -20.86 -2.70 6.64
CA ALA A 156 -20.93 -3.04 5.22
C ALA A 156 -22.35 -2.87 4.70
N SER A 157 -23.35 -3.25 5.51
CA SER A 157 -24.73 -3.11 5.08
C SER A 157 -25.12 -1.64 4.96
N GLU A 158 -24.63 -0.80 5.87
CA GLU A 158 -24.96 0.61 5.80
C GLU A 158 -24.35 1.26 4.55
N ILE A 159 -23.13 0.83 4.21
CA ILE A 159 -22.47 1.31 2.99
C ILE A 159 -23.25 0.89 1.75
N GLU A 160 -23.67 -0.38 1.70
CA GLU A 160 -24.41 -0.87 0.55
C GLU A 160 -25.71 -0.10 0.36
N THR A 161 -26.42 0.18 1.46
CA THR A 161 -27.66 0.96 1.36
C THR A 161 -27.38 2.34 0.80
N ALA A 162 -26.32 3.00 1.27
CA ALA A 162 -25.98 4.33 0.76
C ALA A 162 -25.55 4.26 -0.70
N VAL A 163 -24.70 3.30 -1.05
CA VAL A 163 -24.24 3.18 -2.43
C VAL A 163 -25.41 2.95 -3.37
N SER A 164 -26.39 2.16 -2.94
CA SER A 164 -27.52 1.85 -3.82
CA SER A 164 -27.53 1.86 -3.81
CA SER A 164 -27.53 1.86 -3.81
C SER A 164 -28.30 3.12 -4.17
N ILE A 165 -28.37 4.07 -3.26
CA ILE A 165 -29.09 5.31 -3.54
C ILE A 165 -28.49 6.01 -4.76
N PHE A 166 -27.17 6.01 -4.87
CA PHE A 166 -26.51 6.67 -5.99
C PHE A 166 -26.48 5.81 -7.24
N LYS A 167 -26.34 4.49 -7.08
CA LYS A 167 -26.45 3.61 -8.24
C LYS A 167 -27.80 3.75 -8.92
N LYS A 168 -28.88 3.85 -8.13
CA LYS A 168 -30.22 3.96 -8.69
C LYS A 168 -30.39 5.20 -9.57
N LYS A 169 -29.66 6.28 -9.30
CA LYS A 169 -29.76 7.48 -10.11
C LYS A 169 -28.57 7.65 -11.06
N LYS A 170 -27.69 6.65 -11.13
CA LYS A 170 -26.49 6.72 -11.97
C LYS A 170 -25.68 7.99 -11.66
N SER A 171 -25.63 8.35 -10.37
CA SER A 171 -24.79 9.47 -9.96
C SER A 171 -23.32 9.13 -10.15
N PRO A 172 -22.50 10.06 -10.64
CA PRO A 172 -21.05 9.86 -10.55
C PRO A 172 -20.68 9.85 -9.07
N PHE A 173 -19.99 8.79 -8.66
CA PHE A 173 -19.92 8.48 -7.24
C PHE A 173 -18.52 8.01 -6.86
N ILE A 174 -18.05 8.54 -5.73
CA ILE A 174 -16.74 8.22 -5.15
C ILE A 174 -16.97 7.90 -3.68
N LEU A 175 -16.31 6.84 -3.19
CA LEU A 175 -16.44 6.46 -1.78
C LEU A 175 -15.08 6.57 -1.10
N LEU A 176 -15.04 7.23 0.06
CA LEU A 176 -13.79 7.36 0.83
C LEU A 176 -13.85 6.48 2.08
N HIS A 177 -12.89 5.60 2.23
CA HIS A 177 -12.65 5.00 3.54
C HIS A 177 -12.29 6.10 4.53
N CYS A 178 -12.73 5.93 5.78
CA CYS A 178 -12.66 6.98 6.77
C CYS A 178 -12.92 6.34 8.12
N VAL A 179 -12.29 6.89 9.16
CA VAL A 179 -12.53 6.44 10.53
C VAL A 179 -12.89 7.67 11.35
N SER A 180 -14.13 7.69 11.87
CA SER A 180 -14.66 8.81 12.64
C SER A 180 -14.18 8.76 14.08
N SER A 181 -12.85 8.85 14.23
CA SER A 181 -12.17 8.92 15.52
C SER A 181 -11.34 10.19 15.56
N TYR A 182 -11.36 10.90 16.69
CA TYR A 182 -10.76 12.23 16.76
C TYR A 182 -9.89 12.38 18.00
N PRO A 183 -8.56 12.44 17.85
CA PRO A 183 -7.87 12.18 16.58
C PRO A 183 -7.76 10.68 16.31
N MET A 184 -7.52 10.30 15.06
CA MET A 184 -7.47 8.90 14.70
C MET A 184 -6.07 8.36 14.97
N ASN A 185 -6.00 7.29 15.77
CA ASN A 185 -4.72 6.67 16.09
C ASN A 185 -4.34 5.67 14.99
N GLU A 186 -3.03 5.38 14.91
CA GLU A 186 -2.50 4.51 13.86
C GLU A 186 -3.24 3.18 13.79
N ILE A 187 -3.43 2.54 14.94
CA ILE A 187 -4.00 1.19 14.93
C ILE A 187 -5.46 1.17 14.54
N ASP A 188 -6.10 2.34 14.40
CA ASP A 188 -7.49 2.41 13.98
C ASP A 188 -7.67 2.69 12.50
N ALA A 189 -6.58 2.88 11.74
CA ALA A 189 -6.70 3.34 10.36
C ALA A 189 -7.41 2.32 9.47
N ASN A 190 -7.19 1.02 9.71
CA ASN A 190 -7.79 -0.04 8.91
C ASN A 190 -7.65 0.23 7.42
N LEU A 191 -6.43 0.59 6.99
CA LEU A 191 -6.25 0.98 5.59
C LEU A 191 -6.54 -0.15 4.61
N SER A 192 -6.49 -1.42 5.05
CA SER A 192 -6.82 -2.51 4.14
CA SER A 192 -6.81 -2.46 4.07
C SER A 192 -8.28 -2.48 3.71
N ALA A 193 -9.14 -1.72 4.42
CA ALA A 193 -10.52 -1.57 3.98
C ALA A 193 -10.60 -0.94 2.59
N ILE A 194 -9.58 -0.15 2.21
CA ILE A 194 -9.54 0.45 0.88
C ILE A 194 -9.56 -0.63 -0.19
N GLN A 195 -8.71 -1.67 -0.02
CA GLN A 195 -8.70 -2.75 -1.00
C GLN A 195 -9.97 -3.57 -0.95
N THR A 196 -10.52 -3.78 0.25
CA THR A 196 -11.80 -4.45 0.38
C THR A 196 -12.87 -3.74 -0.43
N LEU A 197 -12.90 -2.41 -0.33
CA LEU A 197 -13.87 -1.64 -1.11
C LEU A 197 -13.56 -1.68 -2.59
N LYS A 198 -12.28 -1.59 -2.96
CA LYS A 198 -11.93 -1.63 -4.39
C LYS A 198 -12.29 -2.96 -5.02
N SER A 199 -12.23 -4.04 -4.23
CA SER A 199 -12.66 -5.34 -4.74
C SER A 199 -14.16 -5.46 -4.83
N LYS A 200 -14.89 -4.73 -3.99
CA LYS A 200 -16.34 -4.86 -3.91
C LYS A 200 -17.06 -3.99 -4.93
N TYR A 201 -16.48 -2.83 -5.27
CA TYR A 201 -17.13 -1.81 -6.07
C TYR A 201 -16.26 -1.43 -7.26
N GLU A 202 -16.90 -0.86 -8.29
CA GLU A 202 -16.21 -0.50 -9.54
C GLU A 202 -15.84 0.97 -9.62
N PHE A 203 -16.38 1.81 -8.74
CA PHE A 203 -16.12 3.24 -8.76
C PHE A 203 -14.88 3.57 -7.95
N PRO A 204 -14.35 4.79 -8.06
CA PRO A 204 -13.08 5.12 -7.37
C PRO A 204 -13.25 5.09 -5.85
N ILE A 205 -12.23 4.57 -5.18
CA ILE A 205 -12.16 4.49 -3.72
C ILE A 205 -10.99 5.33 -3.25
N GLY A 206 -11.20 6.12 -2.21
CA GLY A 206 -10.10 6.87 -1.63
C GLY A 206 -10.10 6.82 -0.12
N TYR A 207 -9.55 7.85 0.50
CA TYR A 207 -9.34 7.84 1.94
C TYR A 207 -9.44 9.26 2.48
N SER A 208 -10.20 9.44 3.56
CA SER A 208 -10.30 10.71 4.27
C SER A 208 -9.62 10.58 5.63
N ASP A 209 -8.67 11.45 5.92
CA ASP A 209 -7.82 11.31 7.10
C ASP A 209 -8.28 12.18 8.26
N HIS A 210 -8.15 11.64 9.47
CA HIS A 210 -8.37 12.39 10.70
C HIS A 210 -7.23 12.15 11.69
N SER A 211 -6.05 11.85 11.16
CA SER A 211 -4.86 11.70 11.98
C SER A 211 -4.14 13.03 12.16
N LYS A 212 -3.13 13.04 13.02
CA LYS A 212 -2.34 14.22 13.29
C LYS A 212 -1.12 14.34 12.38
N GLY A 213 -1.10 13.65 11.25
CA GLY A 213 0.01 13.83 10.33
C GLY A 213 -0.38 13.48 8.91
N ILE A 214 0.63 13.36 8.05
CA ILE A 214 0.39 12.94 6.68
C ILE A 214 0.91 11.55 6.39
N GLU A 215 1.56 10.89 7.35
CA GLU A 215 2.07 9.55 7.07
C GLU A 215 0.93 8.58 6.75
N ILE A 216 -0.16 8.62 7.53
CA ILE A 216 -1.26 7.69 7.29
C ILE A 216 -1.91 7.91 5.92
N PRO A 217 -2.24 9.13 5.51
CA PRO A 217 -2.72 9.31 4.12
C PRO A 217 -1.73 8.85 3.04
N LEU A 218 -0.43 9.02 3.25
CA LEU A 218 0.53 8.50 2.27
C LEU A 218 0.50 6.98 2.24
N LEU A 219 0.46 6.33 3.40
CA LEU A 219 0.28 4.89 3.42
C LEU A 219 -1.03 4.50 2.74
N ALA A 220 -2.05 5.34 2.86
CA ALA A 220 -3.32 5.02 2.20
C ALA A 220 -3.18 5.02 0.69
N VAL A 221 -2.39 5.96 0.16
CA VAL A 221 -2.06 5.95 -1.28
C VAL A 221 -1.37 4.64 -1.65
N ALA A 222 -0.37 4.23 -0.87
CA ALA A 222 0.29 2.96 -1.17
C ALA A 222 -0.67 1.78 -1.09
N SER A 223 -1.69 1.88 -0.25
CA SER A 223 -2.66 0.80 -0.13
CA SER A 223 -2.68 0.82 -0.10
C SER A 223 -3.80 0.91 -1.13
N GLY A 224 -3.72 1.84 -2.08
CA GLY A 224 -4.68 1.89 -3.18
C GLY A 224 -5.58 3.11 -3.25
N ALA A 225 -5.51 4.07 -2.33
CA ALA A 225 -6.42 5.22 -2.38
C ALA A 225 -6.22 6.03 -3.65
N GLU A 226 -7.34 6.40 -4.29
CA GLU A 226 -7.30 7.21 -5.50
CA GLU A 226 -7.33 7.21 -5.50
C GLU A 226 -7.73 8.65 -5.24
N ILE A 227 -8.19 8.95 -4.04
CA ILE A 227 -8.54 10.30 -3.59
C ILE A 227 -8.03 10.37 -2.16
N ILE A 228 -7.48 11.52 -1.78
CA ILE A 228 -7.06 11.76 -0.41
C ILE A 228 -7.70 13.06 0.07
N GLU A 229 -8.36 13.00 1.22
CA GLU A 229 -8.88 14.18 1.89
C GLU A 229 -8.13 14.35 3.20
N LYS A 230 -7.67 15.58 3.47
CA LYS A 230 -6.89 15.87 4.66
C LYS A 230 -7.32 17.22 5.22
N HIS A 231 -7.62 17.28 6.52
CA HIS A 231 -7.97 18.57 7.09
C HIS A 231 -6.80 19.53 6.99
N TYR A 232 -7.13 20.82 6.92
CA TYR A 232 -6.17 21.80 6.45
C TYR A 232 -6.36 23.11 7.20
N THR A 233 -5.23 23.73 7.56
CA THR A 233 -5.20 25.02 8.24
C THR A 233 -4.03 25.80 7.69
N VAL A 234 -4.13 27.13 7.69
CA VAL A 234 -2.93 27.90 7.33
C VAL A 234 -1.98 28.05 8.50
N ASP A 235 -2.43 27.76 9.73
CA ASP A 235 -1.60 28.00 10.91
C ASP A 235 -2.23 27.32 12.13
N ARG A 236 -1.63 26.22 12.60
CA ARG A 236 -2.16 25.56 13.79
C ARG A 236 -2.10 26.46 15.02
N THR A 237 -1.16 27.40 15.07
CA THR A 237 -1.04 28.24 16.26
C THR A 237 -2.26 29.12 16.48
N LEU A 238 -3.09 29.34 15.46
CA LEU A 238 -4.34 30.05 15.66
C LEU A 238 -5.33 29.25 16.48
N GLN A 239 -5.13 27.93 16.59
CA GLN A 239 -5.99 27.05 17.39
C GLN A 239 -7.46 27.10 16.92
N GLY A 240 -7.65 27.18 15.60
CA GLY A 240 -8.98 27.12 15.04
C GLY A 240 -9.57 25.72 15.13
N ILE A 241 -10.85 25.60 14.76
CA ILE A 241 -11.54 24.33 14.88
C ILE A 241 -10.80 23.25 14.09
N ASP A 242 -10.61 22.08 14.72
CA ASP A 242 -9.95 20.92 14.14
C ASP A 242 -8.47 21.15 13.87
N TRP A 243 -7.84 22.11 14.56
CA TRP A 243 -6.45 22.40 14.29
C TRP A 243 -5.55 21.19 14.54
N GLU A 244 -5.91 20.36 15.53
CA GLU A 244 -5.01 19.28 15.93
C GLU A 244 -4.84 18.24 14.82
N ILE A 245 -5.86 18.04 13.99
CA ILE A 245 -5.76 17.06 12.91
C ILE A 245 -5.54 17.72 11.55
N SER A 246 -5.17 19.00 11.53
CA SER A 246 -5.06 19.73 10.28
C SER A 246 -3.61 19.90 9.86
N ALA A 247 -3.36 19.75 8.55
CA ALA A 247 -2.05 19.95 7.97
C ALA A 247 -1.86 21.41 7.58
N GLU A 248 -0.67 21.94 7.84
CA GLU A 248 -0.36 23.30 7.42
C GLU A 248 0.05 23.30 5.95
N PRO A 249 0.16 24.48 5.32
CA PRO A 249 0.42 24.50 3.86
C PRO A 249 1.67 23.75 3.43
N LYS A 250 2.79 23.88 4.14
CA LYS A 250 3.99 23.15 3.74
C LYS A 250 3.79 21.65 3.87
N GLU A 251 3.00 21.20 4.85
CA GLU A 251 2.71 19.78 4.99
C GLU A 251 1.75 19.31 3.90
N LEU A 252 0.76 20.14 3.55
CA LEU A 252 -0.10 19.82 2.41
C LEU A 252 0.71 19.69 1.13
N ALA A 253 1.67 20.60 0.92
CA ALA A 253 2.50 20.52 -0.28
C ALA A 253 3.33 19.24 -0.29
N LYS A 254 3.83 18.83 0.88
CA LYS A 254 4.55 17.57 0.97
C LYS A 254 3.62 16.38 0.71
N LEU A 255 2.38 16.45 1.20
CA LEU A 255 1.41 15.40 0.89
C LEU A 255 1.23 15.26 -0.61
N VAL A 256 1.12 16.38 -1.32
CA VAL A 256 0.94 16.34 -2.77
C VAL A 256 2.15 15.69 -3.44
N THR A 257 3.36 16.16 -3.10
CA THR A 257 4.52 15.66 -3.85
C THR A 257 4.86 14.23 -3.45
N GLU A 258 4.62 13.88 -2.19
CA GLU A 258 4.89 12.50 -1.78
C GLU A 258 3.84 11.56 -2.35
N THR A 259 2.60 12.00 -2.50
CA THR A 259 1.60 11.17 -3.17
C THR A 259 2.02 10.87 -4.60
N GLU A 260 2.51 11.89 -5.32
CA GLU A 260 2.96 11.67 -6.69
C GLU A 260 4.13 10.69 -6.71
N ARG A 261 5.03 10.81 -5.74
CA ARG A 261 6.19 9.92 -5.71
C ARG A 261 5.76 8.49 -5.44
N ILE A 262 4.84 8.28 -4.49
CA ILE A 262 4.37 6.92 -4.20
C ILE A 262 3.61 6.37 -5.39
N ARG A 263 2.83 7.20 -6.09
CA ARG A 263 2.15 6.70 -7.28
C ARG A 263 3.15 6.21 -8.31
N LYS A 264 4.27 6.90 -8.47
CA LYS A 264 5.28 6.44 -9.41
C LYS A 264 5.81 5.08 -8.98
N ILE A 265 5.99 4.89 -7.66
CA ILE A 265 6.51 3.63 -7.14
C ILE A 265 5.48 2.51 -7.34
N LEU A 266 4.20 2.82 -7.18
CA LEU A 266 3.17 1.81 -7.45
C LEU A 266 3.19 1.39 -8.91
N GLY A 267 3.39 2.32 -9.82
CA GLY A 267 3.61 1.94 -11.20
C GLY A 267 2.33 1.53 -11.92
N HIS A 268 2.52 0.79 -13.01
CA HIS A 268 1.42 0.48 -13.92
C HIS A 268 0.67 -0.78 -13.52
N GLY A 269 1.22 -1.62 -12.65
CA GLY A 269 0.51 -2.78 -12.11
C GLY A 269 0.42 -3.97 -13.05
N LYS A 270 0.96 -3.85 -14.26
CA LYS A 270 0.89 -4.95 -15.21
C LYS A 270 2.01 -5.95 -14.96
N LEU A 271 1.73 -7.21 -15.30
CA LEU A 271 2.70 -8.30 -15.12
C LEU A 271 3.56 -8.35 -16.38
N GLU A 272 4.55 -7.46 -16.44
CA GLU A 272 5.44 -7.37 -17.57
C GLU A 272 6.78 -6.86 -17.04
N PRO A 273 7.89 -7.20 -17.68
CA PRO A 273 9.19 -6.73 -17.20
C PRO A 273 9.38 -5.24 -17.43
N GLN A 274 10.18 -4.63 -16.55
CA GLN A 274 10.65 -3.27 -16.78
C GLN A 274 11.86 -3.29 -17.70
N ALA A 275 12.05 -2.20 -18.44
CA ALA A 275 13.21 -2.16 -19.34
C ALA A 275 14.53 -2.22 -18.57
N SER A 276 14.53 -1.83 -17.29
CA SER A 276 15.74 -1.96 -16.47
C SER A 276 16.11 -3.40 -16.18
N GLU A 277 15.23 -4.35 -16.51
CA GLU A 277 15.52 -5.76 -16.30
C GLU A 277 16.10 -6.44 -17.53
N GLN A 278 16.38 -5.72 -18.62
CA GLN A 278 16.68 -6.44 -19.86
C GLN A 278 17.99 -7.21 -19.78
N GLU A 279 18.98 -6.74 -19.00
CA GLU A 279 20.21 -7.50 -18.88
C GLU A 279 19.98 -8.84 -18.19
N GLU A 280 19.17 -8.86 -17.14
CA GLU A 280 18.86 -10.12 -16.50
C GLU A 280 17.98 -11.00 -17.38
N ILE A 281 17.10 -10.40 -18.19
CA ILE A 281 16.33 -11.20 -19.16
C ILE A 281 17.27 -11.87 -20.16
N GLU A 282 18.26 -11.12 -20.65
CA GLU A 282 19.19 -11.69 -21.62
C GLU A 282 19.96 -12.86 -21.02
N TYR A 283 20.42 -12.70 -19.78
CA TYR A 283 21.12 -13.78 -19.08
C TYR A 283 20.21 -15.00 -18.88
N ARG A 284 18.99 -14.76 -18.39
CA ARG A 284 18.02 -15.83 -18.22
C ARG A 284 17.83 -16.61 -19.51
N ASN A 285 17.60 -15.89 -20.62
CA ASN A 285 17.29 -16.56 -21.87
C ASN A 285 18.48 -17.32 -22.42
N SER A 286 19.69 -16.84 -22.17
CA SER A 286 20.88 -17.48 -22.72
CA SER A 286 20.88 -17.48 -22.73
CA SER A 286 20.88 -17.49 -22.72
C SER A 286 21.29 -18.73 -21.94
N LEU A 287 21.08 -18.75 -20.63
CA LEU A 287 21.60 -19.86 -19.82
C LEU A 287 20.59 -20.62 -18.96
N ARG A 288 19.44 -20.04 -18.63
CA ARG A 288 18.58 -20.60 -17.60
C ARG A 288 17.27 -21.18 -18.14
N ARG A 289 17.13 -21.32 -19.46
CA ARG A 289 15.95 -21.95 -20.06
C ARG A 289 16.31 -23.40 -20.35
N LYS A 290 16.12 -24.25 -19.35
CA LYS A 290 16.49 -25.65 -19.51
CA LYS A 290 16.58 -25.63 -19.42
C LYS A 290 15.75 -26.55 -18.52
N HIS B 6 -10.29 -8.50 5.96
CA HIS B 6 -10.08 -8.14 4.56
C HIS B 6 -11.25 -8.68 3.76
N HIS B 7 -11.24 -8.44 2.45
CA HIS B 7 -12.08 -9.21 1.55
C HIS B 7 -11.32 -10.48 1.19
N HIS B 8 -10.43 -10.38 0.20
CA HIS B 8 -9.59 -11.51 -0.16
C HIS B 8 -8.58 -11.81 0.94
N MET B 9 -8.39 -13.10 1.20
CA MET B 9 -7.29 -13.58 2.03
C MET B 9 -6.57 -14.66 1.24
N SER B 10 -5.24 -14.61 1.24
CA SER B 10 -4.49 -15.71 0.63
C SER B 10 -4.65 -16.97 1.48
N GLN B 11 -4.48 -18.12 0.85
CA GLN B 11 -4.56 -19.40 1.56
C GLN B 11 -3.24 -19.60 2.30
N GLU B 12 -3.31 -19.58 3.63
CA GLU B 12 -2.09 -19.62 4.43
C GLU B 12 -1.32 -20.91 4.21
N ILE B 13 -0.01 -20.82 4.43
CA ILE B 13 0.89 -21.97 4.37
C ILE B 13 1.52 -22.15 5.74
N THR B 14 1.48 -23.37 6.25
CA THR B 14 1.96 -23.64 7.61
C THR B 14 3.14 -24.62 7.58
N LEU B 15 4.15 -24.32 8.40
CA LEU B 15 5.29 -25.21 8.60
C LEU B 15 5.70 -25.05 10.06
N GLY B 16 5.35 -26.03 10.89
CA GLY B 16 5.61 -25.88 12.30
C GLY B 16 4.82 -24.73 12.87
N ASN B 17 5.48 -23.92 13.70
CA ASN B 17 4.79 -22.82 14.36
C ASN B 17 4.74 -21.56 13.51
N ILE B 18 5.28 -21.59 12.29
CA ILE B 18 5.31 -20.44 11.39
C ILE B 18 4.24 -20.63 10.31
N LYS B 19 3.38 -19.62 10.15
CA LYS B 19 2.38 -19.60 9.10
C LYS B 19 2.59 -18.37 8.22
N ILE B 20 2.48 -18.56 6.90
CA ILE B 20 2.71 -17.52 5.92
C ILE B 20 1.43 -17.27 5.15
N GLY B 21 1.08 -16.00 4.96
CA GLY B 21 -0.15 -15.68 4.26
C GLY B 21 -1.33 -15.62 5.21
N GLY B 22 -2.53 -15.53 4.63
CA GLY B 22 -3.71 -15.37 5.47
C GLY B 22 -3.62 -14.08 6.25
N ASN B 23 -3.97 -14.14 7.53
CA ASN B 23 -3.80 -12.98 8.41
C ASN B 23 -2.65 -13.20 9.40
N ASN B 24 -1.61 -13.89 8.95
CA ASN B 24 -0.41 -14.04 9.74
C ASN B 24 0.49 -12.83 9.56
N PRO B 25 1.43 -12.60 10.49
CA PRO B 25 2.39 -11.52 10.32
C PRO B 25 3.15 -11.67 9.01
N VAL B 26 3.67 -10.55 8.51
CA VAL B 26 4.52 -10.60 7.33
C VAL B 26 5.75 -11.42 7.64
N PHE B 27 6.13 -12.30 6.71
CA PHE B 27 7.29 -13.16 6.87
C PHE B 27 8.49 -12.45 6.26
N ILE B 28 9.52 -12.18 7.07
CA ILE B 28 10.65 -11.34 6.66
C ILE B 28 11.89 -12.22 6.49
N ILE B 29 12.47 -12.17 5.29
CA ILE B 29 13.63 -12.96 4.91
C ILE B 29 14.82 -12.04 4.73
N ALA B 30 15.90 -12.32 5.46
CA ALA B 30 17.19 -11.66 5.24
C ALA B 30 17.98 -12.50 4.23
N GLU B 31 18.22 -11.94 3.05
CA GLU B 31 18.93 -12.65 1.99
C GLU B 31 20.42 -12.35 2.16
N ALA B 32 21.14 -13.29 2.76
CA ALA B 32 22.58 -13.13 2.89
C ALA B 32 23.25 -13.20 1.53
N GLY B 33 22.67 -13.96 0.61
CA GLY B 33 23.13 -13.96 -0.76
C GLY B 33 24.55 -14.48 -0.84
N LEU B 34 25.40 -13.72 -1.53
CA LEU B 34 26.82 -13.99 -1.63
C LEU B 34 27.64 -13.00 -0.81
N ASN B 35 26.99 -12.21 0.05
CA ASN B 35 27.69 -11.08 0.66
C ASN B 35 28.77 -11.53 1.64
N HIS B 36 28.69 -12.76 2.15
CA HIS B 36 29.73 -13.32 3.02
C HIS B 36 31.02 -13.60 2.27
N GLY B 37 30.97 -13.63 0.94
CA GLY B 37 32.19 -13.87 0.18
C GLY B 37 32.84 -15.22 0.43
N GLY B 38 32.11 -16.18 0.99
CA GLY B 38 32.65 -17.50 1.27
C GLY B 38 33.37 -17.62 2.58
N ASP B 39 33.35 -16.56 3.40
CA ASP B 39 33.90 -16.55 4.74
C ASP B 39 32.88 -17.19 5.67
N LEU B 40 33.16 -18.41 6.14
CA LEU B 40 32.20 -19.14 6.96
C LEU B 40 31.91 -18.42 8.26
N ASN B 41 32.95 -17.87 8.90
CA ASN B 41 32.74 -17.15 10.16
C ASN B 41 31.89 -15.91 9.96
N LEU B 42 32.08 -15.23 8.83
CA LEU B 42 31.23 -14.07 8.54
C LEU B 42 29.79 -14.51 8.32
N ALA B 43 29.58 -15.61 7.59
CA ALA B 43 28.22 -16.10 7.40
C ALA B 43 27.57 -16.49 8.73
N LEU B 44 28.34 -17.06 9.65
CA LEU B 44 27.79 -17.38 10.97
C LEU B 44 27.42 -16.12 11.73
N ARG B 45 28.27 -15.10 11.69
CA ARG B 45 27.93 -13.81 12.29
C ARG B 45 26.66 -13.24 11.69
N MET B 46 26.50 -13.37 10.37
CA MET B 46 25.30 -12.87 9.72
C MET B 46 24.04 -13.52 10.30
N ILE B 47 24.09 -14.83 10.53
CA ILE B 47 22.96 -15.51 11.17
C ILE B 47 22.71 -14.93 12.56
N ASP B 48 23.76 -14.81 13.38
CA ASP B 48 23.57 -14.26 14.73
C ASP B 48 22.87 -12.91 14.69
N GLU B 49 23.33 -12.01 13.82
CA GLU B 49 22.82 -10.64 13.86
C GLU B 49 21.44 -10.53 13.21
N ALA B 50 21.13 -11.42 12.27
CA ALA B 50 19.78 -11.45 11.71
C ALA B 50 18.77 -11.95 12.72
N ALA B 51 19.16 -12.94 13.52
CA ALA B 51 18.30 -13.43 14.59
C ALA B 51 18.08 -12.34 15.63
N ASP B 52 19.15 -11.62 15.99
CA ASP B 52 19.00 -10.51 16.94
CA ASP B 52 19.01 -10.51 16.93
C ASP B 52 18.08 -9.42 16.40
N ALA B 53 18.05 -9.23 15.09
CA ALA B 53 17.17 -8.24 14.46
C ALA B 53 15.73 -8.72 14.33
N LYS B 54 15.49 -10.00 14.64
CA LYS B 54 14.16 -10.63 14.65
C LYS B 54 13.60 -10.84 13.24
N ALA B 55 14.48 -11.03 12.25
CA ALA B 55 14.04 -11.55 10.96
C ALA B 55 13.51 -12.98 11.14
N ASN B 56 12.54 -13.35 10.31
CA ASN B 56 11.99 -14.71 10.46
C ASN B 56 12.93 -15.78 9.90
N ALA B 57 13.69 -15.44 8.87
CA ALA B 57 14.49 -16.41 8.15
C ALA B 57 15.74 -15.72 7.60
N ILE B 58 16.81 -16.50 7.47
CA ILE B 58 17.99 -16.04 6.73
C ILE B 58 18.25 -17.02 5.61
N LYS B 59 18.57 -16.49 4.43
CA LYS B 59 18.64 -17.27 3.21
C LYS B 59 20.03 -17.18 2.61
N PHE B 60 20.52 -18.31 2.08
CA PHE B 60 21.81 -18.39 1.40
C PHE B 60 21.58 -18.87 -0.03
N GLN B 61 22.66 -19.09 -0.78
CA GLN B 61 22.57 -19.50 -2.17
C GLN B 61 23.44 -20.73 -2.38
N ALA B 62 22.88 -21.77 -3.00
CA ALA B 62 23.57 -23.03 -3.20
C ALA B 62 23.69 -23.28 -4.70
N TYR B 63 24.91 -23.17 -5.23
CA TYR B 63 25.09 -23.14 -6.67
C TYR B 63 26.48 -23.67 -7.02
N ASN B 64 26.62 -24.05 -8.28
CA ASN B 64 27.93 -24.25 -8.89
C ASN B 64 28.20 -23.08 -9.83
N SER B 65 29.35 -22.43 -9.65
CA SER B 65 29.60 -21.19 -10.37
C SER B 65 29.57 -21.37 -11.87
N GLU B 66 30.16 -22.48 -12.36
CA GLU B 66 30.25 -22.73 -13.79
C GLU B 66 28.87 -23.01 -14.40
N GLU B 67 28.07 -23.82 -13.72
CA GLU B 67 26.70 -24.06 -14.14
C GLU B 67 25.91 -22.75 -14.19
N ARG B 68 26.14 -21.87 -13.22
CA ARG B 68 25.31 -20.69 -13.06
C ARG B 68 25.63 -19.61 -14.09
N PHE B 69 26.90 -19.46 -14.47
CA PHE B 69 27.31 -18.34 -15.31
C PHE B 69 28.00 -18.74 -16.61
N GLY B 70 28.18 -20.03 -16.87
CA GLY B 70 28.57 -20.45 -18.21
C GLY B 70 29.92 -19.91 -18.62
N GLU B 71 29.99 -19.35 -19.83
CA GLU B 71 31.23 -18.84 -20.38
C GLU B 71 31.53 -17.40 -19.97
N ASN B 72 30.76 -16.83 -19.03
CA ASN B 72 31.06 -15.53 -18.46
C ASN B 72 32.12 -15.73 -17.39
N LYS B 73 33.39 -15.73 -17.83
CA LYS B 73 34.50 -16.04 -16.93
C LYS B 73 34.65 -15.00 -15.83
N GLU B 74 34.30 -13.75 -16.11
CA GLU B 74 34.36 -12.73 -15.06
C GLU B 74 33.36 -13.05 -13.96
N ALA B 75 32.14 -13.40 -14.32
CA ALA B 75 31.13 -13.71 -13.31
C ALA B 75 31.51 -14.96 -12.53
N VAL B 76 32.02 -15.99 -13.21
CA VAL B 76 32.41 -17.22 -12.54
C VAL B 76 33.49 -16.94 -11.49
N ASN B 77 34.49 -16.14 -11.84
CA ASN B 77 35.55 -15.81 -10.89
C ASN B 77 35.03 -15.01 -9.71
N LEU B 78 34.04 -14.15 -9.95
CA LEU B 78 33.51 -13.33 -8.87
C LEU B 78 32.82 -14.18 -7.81
N VAL B 79 32.00 -15.16 -8.23
CA VAL B 79 31.17 -15.91 -7.29
C VAL B 79 31.77 -17.23 -6.85
N LYS B 80 32.84 -17.71 -7.50
CA LYS B 80 33.50 -18.93 -7.05
C LYS B 80 33.93 -18.89 -5.59
N PRO B 81 34.52 -17.83 -5.06
CA PRO B 81 34.93 -17.84 -3.64
C PRO B 81 33.76 -17.95 -2.68
N ALA B 82 32.57 -17.52 -3.07
CA ALA B 82 31.41 -17.49 -2.19
C ALA B 82 30.64 -18.80 -2.19
N GLU B 83 31.08 -19.80 -2.95
CA GLU B 83 30.40 -21.08 -2.95
C GLU B 83 30.53 -21.75 -1.59
N PHE B 84 29.41 -22.21 -1.05
CA PHE B 84 29.41 -23.11 0.08
C PHE B 84 28.97 -24.49 -0.39
N GLY B 85 29.47 -25.52 0.29
CA GLY B 85 29.04 -26.87 0.06
C GLY B 85 28.21 -27.39 1.22
N LYS B 86 27.89 -28.69 1.14
CA LYS B 86 27.03 -29.33 2.12
C LYS B 86 27.55 -29.18 3.54
N LYS B 87 28.86 -29.34 3.73
CA LYS B 87 29.41 -29.26 5.08
C LYS B 87 29.19 -27.88 5.68
N GLU B 88 29.36 -26.84 4.87
CA GLU B 88 29.14 -25.48 5.36
C GLU B 88 27.66 -25.21 5.62
N PHE B 89 26.78 -25.63 4.71
CA PHE B 89 25.36 -25.41 4.94
C PHE B 89 24.86 -26.15 6.18
N LEU B 90 25.44 -27.31 6.50
CA LEU B 90 25.04 -27.97 7.73
C LEU B 90 25.37 -27.12 8.95
N LEU B 91 26.55 -26.50 8.94
CA LEU B 91 26.93 -25.64 10.06
C LEU B 91 26.05 -24.40 10.12
N LEU B 92 25.73 -23.82 8.97
CA LEU B 92 24.88 -22.64 8.96
C LEU B 92 23.47 -22.98 9.45
N LYS B 93 22.94 -24.14 9.07
CA LYS B 93 21.62 -24.54 9.53
C LYS B 93 21.62 -24.81 11.03
N GLU B 94 22.68 -25.45 11.54
CA GLU B 94 22.77 -25.68 12.99
CA GLU B 94 22.80 -25.67 12.98
C GLU B 94 22.82 -24.36 13.75
N ARG B 95 23.57 -23.38 13.26
CA ARG B 95 23.62 -22.09 13.94
C ARG B 95 22.25 -21.40 13.93
N SER B 96 21.55 -21.46 12.80
CA SER B 96 20.24 -20.82 12.70
C SER B 96 19.28 -21.42 13.72
N GLN B 97 19.26 -22.75 13.83
CA GLN B 97 18.38 -23.38 14.80
C GLN B 97 18.74 -22.96 16.22
N LYS B 98 20.04 -22.85 16.50
CA LYS B 98 20.48 -22.44 17.82
C LYS B 98 20.01 -21.02 18.13
N LYS B 99 20.02 -20.17 17.13
CA LYS B 99 19.67 -18.77 17.29
C LYS B 99 18.19 -18.51 17.02
N ASN B 100 17.40 -19.56 16.75
CA ASN B 100 15.95 -19.42 16.57
C ASN B 100 15.59 -18.56 15.37
N ILE B 101 16.28 -18.76 14.27
CA ILE B 101 15.91 -18.15 13.00
C ILE B 101 15.89 -19.26 11.94
N LEU B 102 14.95 -19.18 11.02
CA LEU B 102 14.83 -20.23 10.01
CA LEU B 102 14.81 -20.21 10.00
C LEU B 102 15.92 -20.08 8.96
N PHE B 103 16.55 -21.21 8.61
CA PHE B 103 17.57 -21.26 7.57
C PHE B 103 16.98 -21.90 6.32
N PHE B 104 17.22 -21.29 5.16
CA PHE B 104 16.98 -21.98 3.90
C PHE B 104 17.90 -21.38 2.84
N ALA B 105 17.74 -21.84 1.60
CA ALA B 105 18.65 -21.40 0.56
C ALA B 105 17.97 -21.47 -0.79
N THR B 106 18.58 -20.79 -1.76
CA THR B 106 18.21 -20.85 -3.17
C THR B 106 19.09 -21.87 -3.85
N PRO B 107 18.56 -23.01 -4.32
CA PRO B 107 19.35 -23.87 -5.20
C PRO B 107 19.31 -23.32 -6.62
N PHE B 108 20.43 -23.45 -7.33
CA PHE B 108 20.48 -23.05 -8.72
C PHE B 108 20.59 -24.25 -9.66
N ASP B 109 20.66 -25.46 -9.13
CA ASP B 109 20.59 -26.65 -9.95
C ASP B 109 19.98 -27.77 -9.11
N VAL B 110 19.65 -28.88 -9.77
CA VAL B 110 18.98 -29.99 -9.09
C VAL B 110 19.90 -30.66 -8.07
N PRO B 111 21.20 -30.89 -8.36
CA PRO B 111 22.09 -31.39 -7.30
C PRO B 111 22.05 -30.56 -6.02
N ASN B 112 22.05 -29.22 -6.14
CA ASN B 112 22.02 -28.42 -4.93
C ASN B 112 20.66 -28.46 -4.26
N LEU B 113 19.58 -28.56 -5.05
CA LEU B 113 18.26 -28.73 -4.47
C LEU B 113 18.17 -30.03 -3.66
N ASN B 114 18.63 -31.13 -4.24
CA ASN B 114 18.63 -32.42 -3.53
C ASN B 114 19.43 -32.32 -2.23
N MET B 115 20.58 -31.65 -2.29
CA MET B 115 21.41 -31.50 -1.09
C MET B 115 20.65 -30.75 -0.01
N LEU B 116 19.94 -29.67 -0.38
CA LEU B 116 19.20 -28.89 0.60
C LEU B 116 18.10 -29.71 1.25
N LYS B 117 17.35 -30.47 0.45
CA LYS B 117 16.30 -31.31 1.03
C LYS B 117 16.92 -32.36 1.95
N GLU B 118 18.07 -32.90 1.57
CA GLU B 118 18.69 -33.97 2.36
C GLU B 118 19.12 -33.47 3.73
N ILE B 119 19.67 -32.25 3.81
CA ILE B 119 20.08 -31.73 5.12
C ILE B 119 18.91 -31.19 5.92
N GLY B 120 17.69 -31.27 5.39
CA GLY B 120 16.51 -31.00 6.17
C GLY B 120 15.90 -29.62 6.01
N VAL B 121 16.26 -28.88 4.96
CA VAL B 121 15.59 -27.59 4.75
C VAL B 121 14.13 -27.84 4.40
N GLU B 122 13.27 -26.89 4.81
CA GLU B 122 11.83 -27.03 4.61
C GLU B 122 11.28 -26.04 3.60
N ILE B 123 12.07 -25.07 3.19
CA ILE B 123 11.72 -24.05 2.20
C ILE B 123 12.80 -23.99 1.14
N LEU B 124 12.39 -23.93 -0.12
CA LEU B 124 13.28 -23.63 -1.23
C LEU B 124 12.90 -22.28 -1.82
N LYS B 125 13.88 -21.42 -2.05
CA LYS B 125 13.70 -20.23 -2.87
C LYS B 125 14.17 -20.53 -4.29
N ILE B 126 13.40 -20.09 -5.29
CA ILE B 126 13.83 -20.13 -6.68
C ILE B 126 14.04 -18.70 -7.15
N ALA B 127 15.21 -18.43 -7.72
CA ALA B 127 15.59 -17.08 -8.17
C ALA B 127 14.78 -16.64 -9.39
N SER B 128 14.66 -15.30 -9.54
CA SER B 128 13.92 -14.75 -10.68
C SER B 128 14.48 -15.27 -11.99
N CYS B 129 15.80 -15.33 -12.10
CA CYS B 129 16.44 -15.80 -13.32
C CYS B 129 16.09 -17.24 -13.67
N ASP B 130 15.46 -17.99 -12.76
CA ASP B 130 15.11 -19.38 -13.01
C ASP B 130 13.62 -19.59 -13.17
N ILE B 131 12.87 -18.52 -13.45
CA ILE B 131 11.42 -18.66 -13.63
C ILE B 131 11.07 -19.37 -14.94
N CYS B 132 12.04 -19.51 -15.85
CA CYS B 132 11.87 -20.33 -17.04
C CYS B 132 12.74 -21.58 -17.01
N ASN B 133 13.32 -21.91 -15.86
CA ASN B 133 14.16 -23.09 -15.68
C ASN B 133 13.23 -24.25 -15.33
N ILE B 134 12.62 -24.81 -16.38
CA ILE B 134 11.55 -25.80 -16.16
C ILE B 134 12.07 -27.01 -15.39
N THR B 135 13.29 -27.46 -15.68
CA THR B 135 13.84 -28.62 -14.99
C THR B 135 13.94 -28.35 -13.49
N LEU B 136 14.44 -27.18 -13.11
CA LEU B 136 14.58 -26.84 -11.70
C LEU B 136 13.22 -26.66 -11.03
N LEU B 137 12.28 -25.97 -11.71
CA LEU B 137 10.96 -25.74 -11.13
C LEU B 137 10.20 -27.04 -10.92
N GLU B 138 10.32 -27.98 -11.86
CA GLU B 138 9.67 -29.27 -11.69
C GLU B 138 10.28 -30.06 -10.55
N ALA B 139 11.59 -29.94 -10.33
CA ALA B 139 12.20 -30.62 -9.19
C ALA B 139 11.78 -29.97 -7.88
N ALA B 140 11.64 -28.65 -7.86
CA ALA B 140 11.14 -27.97 -6.67
C ALA B 140 9.70 -28.37 -6.37
N ALA B 141 8.86 -28.41 -7.41
CA ALA B 141 7.46 -28.80 -7.23
C ALA B 141 7.33 -30.24 -6.74
N ASP B 142 8.16 -31.14 -7.26
CA ASP B 142 8.09 -32.54 -6.85
C ASP B 142 8.70 -32.80 -5.49
N SER B 143 9.44 -31.84 -4.92
CA SER B 143 10.15 -32.06 -3.66
C SER B 143 9.23 -32.14 -2.46
N GLY B 144 8.05 -31.53 -2.53
CA GLY B 144 7.16 -31.45 -1.40
C GLY B 144 7.44 -30.32 -0.44
N LEU B 145 8.56 -29.61 -0.60
CA LEU B 145 8.94 -28.50 0.25
C LEU B 145 8.13 -27.25 -0.10
N ILE B 146 8.09 -26.30 0.83
CA ILE B 146 7.55 -24.98 0.52
C ILE B 146 8.45 -24.32 -0.52
N VAL B 147 7.86 -23.80 -1.59
CA VAL B 147 8.62 -23.17 -2.65
C VAL B 147 8.24 -21.71 -2.71
N ILE B 148 9.23 -20.83 -2.63
CA ILE B 148 9.06 -19.40 -2.84
C ILE B 148 9.72 -19.05 -4.17
N LEU B 149 8.96 -18.48 -5.09
CA LEU B 149 9.48 -18.11 -6.40
C LEU B 149 9.37 -16.60 -6.59
N SER B 150 10.40 -16.00 -7.13
CA SER B 150 10.38 -14.59 -7.50
CA SER B 150 10.34 -14.59 -7.49
C SER B 150 10.13 -14.46 -9.00
N ARG B 151 9.40 -13.41 -9.40
CA ARG B 151 9.04 -13.27 -10.81
C ARG B 151 9.74 -12.10 -11.50
N GLY B 152 10.87 -11.65 -11.00
CA GLY B 152 11.67 -10.70 -11.79
C GLY B 152 11.92 -11.25 -13.19
N THR B 153 11.97 -10.39 -14.20
CA THR B 153 12.14 -10.66 -15.63
C THR B 153 10.86 -11.14 -16.33
N ALA B 154 9.85 -11.55 -15.58
CA ALA B 154 8.81 -12.41 -16.14
C ALA B 154 7.57 -11.63 -16.60
N SER B 155 7.01 -12.08 -17.72
CA SER B 155 5.70 -11.65 -18.20
C SER B 155 4.59 -12.47 -17.54
N ALA B 156 3.33 -12.03 -17.73
CA ALA B 156 2.19 -12.76 -17.19
C ALA B 156 2.17 -14.21 -17.68
N SER B 157 2.49 -14.44 -18.95
CA SER B 157 2.42 -15.81 -19.47
C SER B 157 3.56 -16.67 -18.93
N GLU B 158 4.73 -16.08 -18.67
CA GLU B 158 5.81 -16.85 -18.07
C GLU B 158 5.51 -17.17 -16.61
N ILE B 159 4.90 -16.24 -15.89
CA ILE B 159 4.43 -16.53 -14.53
C ILE B 159 3.43 -17.68 -14.55
N GLU B 160 2.47 -17.62 -15.48
CA GLU B 160 1.42 -18.64 -15.52
C GLU B 160 2.00 -20.02 -15.81
N THR B 161 3.01 -20.09 -16.68
CA THR B 161 3.67 -21.36 -16.98
C THR B 161 4.35 -21.93 -15.73
N ALA B 162 5.05 -21.08 -14.97
CA ALA B 162 5.71 -21.55 -13.75
C ALA B 162 4.68 -21.94 -12.69
N VAL B 163 3.65 -21.11 -12.49
CA VAL B 163 2.63 -21.42 -11.49
C VAL B 163 1.97 -22.76 -11.79
N SER B 164 1.67 -23.02 -13.08
CA SER B 164 1.01 -24.26 -13.44
C SER B 164 1.80 -25.49 -13.00
N ILE B 165 3.14 -25.41 -13.04
CA ILE B 165 3.99 -26.52 -12.60
C ILE B 165 3.70 -26.87 -11.15
N PHE B 166 3.57 -25.86 -10.29
CA PHE B 166 3.36 -26.11 -8.87
C PHE B 166 1.91 -26.45 -8.56
N LYS B 167 0.96 -25.91 -9.33
CA LYS B 167 -0.44 -26.30 -9.15
C LYS B 167 -0.63 -27.79 -9.41
N LYS B 168 0.10 -28.34 -10.39
CA LYS B 168 -0.07 -29.75 -10.73
C LYS B 168 0.34 -30.67 -9.58
N LYS B 169 1.43 -30.34 -8.89
CA LYS B 169 1.92 -31.13 -7.77
C LYS B 169 1.32 -30.72 -6.44
N LYS B 170 0.43 -29.73 -6.43
CA LYS B 170 -0.17 -29.22 -5.19
C LYS B 170 0.90 -28.78 -4.19
N SER B 171 1.98 -28.20 -4.71
CA SER B 171 3.07 -27.76 -3.85
C SER B 171 2.63 -26.57 -2.99
N PRO B 172 3.09 -26.49 -1.74
CA PRO B 172 2.95 -25.23 -0.99
C PRO B 172 3.80 -24.19 -1.68
N PHE B 173 3.16 -23.12 -2.17
CA PHE B 173 3.79 -22.23 -3.12
C PHE B 173 3.50 -20.77 -2.77
N ILE B 174 4.53 -19.94 -2.93
CA ILE B 174 4.52 -18.51 -2.62
C ILE B 174 5.18 -17.78 -3.77
N LEU B 175 4.59 -16.67 -4.20
CA LEU B 175 5.12 -15.89 -5.32
C LEU B 175 5.53 -14.51 -4.83
N LEU B 176 6.73 -14.06 -5.21
CA LEU B 176 7.21 -12.74 -4.84
C LEU B 176 7.29 -11.85 -6.08
N HIS B 177 6.61 -10.71 -6.03
CA HIS B 177 6.91 -9.66 -6.98
C HIS B 177 8.36 -9.20 -6.79
N CYS B 178 8.99 -8.81 -7.89
CA CYS B 178 10.43 -8.59 -7.90
C CYS B 178 10.77 -7.85 -9.19
N VAL B 179 11.77 -6.97 -9.14
CA VAL B 179 12.29 -6.30 -10.32
C VAL B 179 13.78 -6.57 -10.39
N SER B 180 14.23 -7.27 -11.44
CA SER B 180 15.63 -7.67 -11.57
C SER B 180 16.49 -6.52 -12.13
N SER B 181 16.65 -5.49 -11.29
CA SER B 181 17.48 -4.34 -11.56
C SER B 181 18.30 -4.04 -10.32
N TYR B 182 19.60 -3.77 -10.48
CA TYR B 182 20.55 -3.73 -9.37
C TYR B 182 21.46 -2.51 -9.46
N PRO B 183 21.28 -1.49 -8.60
CA PRO B 183 20.16 -1.33 -7.66
C PRO B 183 18.94 -0.81 -8.39
N MET B 184 17.77 -1.16 -7.89
CA MET B 184 16.53 -0.82 -8.56
C MET B 184 16.13 0.60 -8.20
N ASN B 185 15.92 1.44 -9.22
CA ASN B 185 15.40 2.78 -9.00
C ASN B 185 13.96 2.67 -8.50
N GLU B 186 13.58 3.57 -7.58
CA GLU B 186 12.25 3.47 -7.00
C GLU B 186 11.14 3.55 -8.06
N ILE B 187 11.35 4.31 -9.14
CA ILE B 187 10.30 4.44 -10.14
C ILE B 187 10.09 3.17 -10.95
N ASP B 188 10.95 2.18 -10.79
CA ASP B 188 10.79 0.89 -11.46
C ASP B 188 10.09 -0.15 -10.58
N ALA B 189 9.71 0.21 -9.34
CA ALA B 189 9.30 -0.82 -8.37
C ALA B 189 8.02 -1.54 -8.77
N ASN B 190 7.10 -0.85 -9.45
CA ASN B 190 5.81 -1.42 -9.88
C ASN B 190 5.10 -2.17 -8.76
N LEU B 191 5.01 -1.54 -7.58
CA LEU B 191 4.46 -2.26 -6.44
C LEU B 191 3.00 -2.63 -6.62
N SER B 192 2.26 -1.96 -7.50
CA SER B 192 0.87 -2.33 -7.74
CA SER B 192 0.87 -2.36 -7.67
C SER B 192 0.75 -3.73 -8.33
N ALA B 193 1.84 -4.27 -8.88
CA ALA B 193 1.83 -5.66 -9.34
C ALA B 193 1.51 -6.64 -8.22
N ILE B 194 1.75 -6.25 -6.96
CA ILE B 194 1.43 -7.12 -5.84
C ILE B 194 -0.07 -7.35 -5.77
N GLN B 195 -0.85 -6.27 -5.86
CA GLN B 195 -2.31 -6.41 -5.88
C GLN B 195 -2.79 -7.15 -7.12
N THR B 196 -2.13 -6.94 -8.26
CA THR B 196 -2.51 -7.65 -9.48
C THR B 196 -2.36 -9.16 -9.26
N LEU B 197 -1.24 -9.56 -8.66
CA LEU B 197 -1.02 -10.97 -8.35
C LEU B 197 -2.00 -11.48 -7.30
N LYS B 198 -2.32 -10.66 -6.29
CA LYS B 198 -3.26 -11.14 -5.29
C LYS B 198 -4.64 -11.34 -5.88
N SER B 199 -5.01 -10.53 -6.87
CA SER B 199 -6.30 -10.68 -7.52
CA SER B 199 -6.30 -10.68 -7.52
C SER B 199 -6.33 -11.91 -8.42
N LYS B 200 -5.20 -12.25 -9.03
CA LYS B 200 -5.15 -13.37 -9.94
C LYS B 200 -5.02 -14.71 -9.23
N TYR B 201 -4.28 -14.76 -8.13
CA TYR B 201 -3.90 -16.01 -7.50
C TYR B 201 -4.35 -16.06 -6.04
N GLU B 202 -4.53 -17.29 -5.54
CA GLU B 202 -5.02 -17.53 -4.20
C GLU B 202 -3.92 -17.76 -3.17
N PHE B 203 -2.69 -18.00 -3.61
CA PHE B 203 -1.60 -18.29 -2.68
C PHE B 203 -0.97 -16.99 -2.22
N PRO B 204 -0.14 -17.03 -1.16
CA PRO B 204 0.40 -15.77 -0.64
C PRO B 204 1.33 -15.10 -1.63
N ILE B 205 1.25 -13.76 -1.68
CA ILE B 205 2.03 -12.93 -2.59
C ILE B 205 2.92 -12.01 -1.75
N GLY B 206 4.19 -11.93 -2.11
CA GLY B 206 5.08 -11.03 -1.40
C GLY B 206 5.96 -10.17 -2.29
N TYR B 207 7.09 -9.72 -1.76
CA TYR B 207 7.94 -8.80 -2.51
C TYR B 207 9.40 -9.05 -2.15
N SER B 208 10.25 -9.15 -3.17
CA SER B 208 11.69 -9.29 -3.01
C SER B 208 12.35 -7.98 -3.46
N ASP B 209 13.13 -7.37 -2.58
CA ASP B 209 13.60 -6.01 -2.83
C ASP B 209 15.02 -5.99 -3.38
N HIS B 210 15.26 -5.08 -4.32
CA HIS B 210 16.59 -4.87 -4.87
C HIS B 210 16.94 -3.38 -4.87
N SER B 211 16.37 -2.63 -3.93
CA SER B 211 16.59 -1.20 -3.80
C SER B 211 17.67 -0.93 -2.76
N LYS B 212 18.03 0.34 -2.62
CA LYS B 212 19.08 0.79 -1.71
C LYS B 212 18.58 1.10 -0.30
N GLY B 213 17.34 0.77 0.03
CA GLY B 213 16.88 1.12 1.36
C GLY B 213 15.80 0.18 1.87
N ILE B 214 15.11 0.58 2.92
CA ILE B 214 13.97 -0.21 3.39
C ILE B 214 12.66 0.47 3.11
N GLU B 215 12.68 1.69 2.54
CA GLU B 215 11.41 2.38 2.26
C GLU B 215 10.55 1.61 1.28
N ILE B 216 11.14 1.16 0.16
CA ILE B 216 10.36 0.43 -0.83
CA ILE B 216 10.36 0.43 -0.83
C ILE B 216 9.78 -0.85 -0.26
N PRO B 217 10.54 -1.70 0.45
CA PRO B 217 9.90 -2.87 1.06
C PRO B 217 8.80 -2.49 2.02
N LEU B 218 8.93 -1.38 2.76
CA LEU B 218 7.85 -0.97 3.65
C LEU B 218 6.62 -0.51 2.87
N LEU B 219 6.82 0.25 1.78
CA LEU B 219 5.69 0.56 0.91
C LEU B 219 5.09 -0.71 0.31
N ALA B 220 5.91 -1.73 0.06
CA ALA B 220 5.38 -2.98 -0.48
C ALA B 220 4.45 -3.67 0.53
N VAL B 221 4.80 -3.61 1.82
CA VAL B 221 3.89 -4.09 2.87
C VAL B 221 2.58 -3.33 2.80
N ALA B 222 2.65 -1.99 2.68
CA ALA B 222 1.41 -1.22 2.63
C ALA B 222 0.60 -1.55 1.39
N SER B 223 1.27 -1.96 0.31
CA SER B 223 0.57 -2.32 -0.91
CA SER B 223 0.65 -2.35 -0.95
C SER B 223 0.14 -3.78 -0.94
N GLY B 224 0.32 -4.51 0.15
CA GLY B 224 -0.26 -5.84 0.28
C GLY B 224 0.74 -6.98 0.42
N ALA B 225 2.05 -6.74 0.42
CA ALA B 225 2.98 -7.86 0.47
C ALA B 225 2.86 -8.63 1.78
N GLU B 226 2.85 -9.96 1.67
CA GLU B 226 2.73 -10.84 2.82
CA GLU B 226 2.73 -10.86 2.81
C GLU B 226 4.05 -11.52 3.17
N ILE B 227 5.07 -11.35 2.34
CA ILE B 227 6.43 -11.83 2.54
C ILE B 227 7.33 -10.69 2.04
N ILE B 228 8.42 -10.42 2.76
CA ILE B 228 9.42 -9.45 2.31
C ILE B 228 10.77 -10.13 2.33
N GLU B 229 11.50 -10.05 1.22
CA GLU B 229 12.87 -10.50 1.16
C GLU B 229 13.74 -9.27 0.92
N LYS B 230 14.81 -9.12 1.71
CA LYS B 230 15.70 -7.97 1.63
C LYS B 230 17.12 -8.47 1.75
N HIS B 231 17.98 -8.03 0.81
CA HIS B 231 19.38 -8.40 0.90
C HIS B 231 20.00 -7.81 2.17
N TYR B 232 21.04 -8.49 2.66
CA TYR B 232 21.48 -8.29 4.03
C TYR B 232 23.00 -8.43 4.12
N THR B 233 23.61 -7.53 4.91
CA THR B 233 25.05 -7.52 5.14
C THR B 233 25.31 -7.09 6.58
N VAL B 234 26.40 -7.59 7.16
CA VAL B 234 26.79 -7.05 8.46
CA VAL B 234 26.84 -7.08 8.45
C VAL B 234 27.42 -5.67 8.31
N ASP B 235 27.93 -5.32 7.13
CA ASP B 235 28.70 -4.09 6.97
C ASP B 235 28.88 -3.75 5.49
N ARG B 236 28.17 -2.75 4.99
CA ARG B 236 28.33 -2.39 3.58
C ARG B 236 29.77 -1.95 3.26
N THR B 237 30.50 -1.43 4.24
CA THR B 237 31.85 -0.93 3.91
C THR B 237 32.82 -2.04 3.57
N LEU B 238 32.48 -3.31 3.84
CA LEU B 238 33.31 -4.41 3.38
C LEU B 238 33.23 -4.61 1.88
N GLN B 239 32.27 -3.96 1.22
CA GLN B 239 32.08 -4.04 -0.22
C GLN B 239 31.94 -5.48 -0.72
N GLY B 240 31.27 -6.31 0.07
CA GLY B 240 30.96 -7.65 -0.40
C GLY B 240 29.96 -7.59 -1.55
N ILE B 241 29.78 -8.75 -2.20
CA ILE B 241 28.83 -8.85 -3.29
C ILE B 241 27.46 -8.34 -2.84
N ASP B 242 26.84 -7.51 -3.67
CA ASP B 242 25.52 -6.93 -3.45
C ASP B 242 25.48 -5.97 -2.27
N TRP B 243 26.63 -5.42 -1.86
CA TRP B 243 26.63 -4.49 -0.73
C TRP B 243 25.63 -3.35 -0.94
N GLU B 244 25.51 -2.83 -2.17
CA GLU B 244 24.76 -1.58 -2.35
C GLU B 244 23.26 -1.77 -2.10
N ILE B 245 22.73 -2.98 -2.29
CA ILE B 245 21.31 -3.22 -2.06
C ILE B 245 21.06 -3.94 -0.74
N SER B 246 22.06 -4.02 0.13
CA SER B 246 21.93 -4.82 1.34
C SER B 246 21.69 -3.93 2.56
N ALA B 247 20.82 -4.40 3.44
CA ALA B 247 20.55 -3.72 4.71
C ALA B 247 21.53 -4.21 5.77
N GLU B 248 21.97 -3.29 6.63
CA GLU B 248 22.80 -3.62 7.77
C GLU B 248 21.90 -4.04 8.93
N PRO B 249 22.47 -4.64 9.99
CA PRO B 249 21.60 -5.24 11.03
C PRO B 249 20.61 -4.27 11.66
N LYS B 250 21.04 -3.04 11.97
CA LYS B 250 20.09 -2.08 12.55
C LYS B 250 18.96 -1.78 11.58
N GLU B 251 19.27 -1.70 10.28
CA GLU B 251 18.25 -1.41 9.27
C GLU B 251 17.32 -2.60 9.09
N LEU B 252 17.86 -3.82 9.11
CA LEU B 252 17.02 -5.02 9.11
C LEU B 252 16.07 -5.01 10.30
N ALA B 253 16.56 -4.65 11.48
CA ALA B 253 15.71 -4.63 12.66
C ALA B 253 14.61 -3.59 12.53
N LYS B 254 14.94 -2.45 11.92
CA LYS B 254 13.93 -1.42 11.66
C LYS B 254 12.90 -1.89 10.63
N LEU B 255 13.36 -2.61 9.60
CA LEU B 255 12.40 -3.17 8.65
C LEU B 255 11.40 -4.07 9.37
N VAL B 256 11.88 -4.88 10.30
CA VAL B 256 11.00 -5.79 11.03
C VAL B 256 9.97 -5.00 11.84
N THR B 257 10.43 -4.00 12.61
CA THR B 257 9.49 -3.30 13.49
C THR B 257 8.57 -2.36 12.71
N GLU B 258 9.07 -1.76 11.63
CA GLU B 258 8.22 -0.91 10.80
C GLU B 258 7.22 -1.73 10.00
N THR B 259 7.59 -2.95 9.60
CA THR B 259 6.62 -3.82 8.95
C THR B 259 5.46 -4.16 9.88
N GLU B 260 5.77 -4.47 11.15
CA GLU B 260 4.70 -4.74 12.10
C GLU B 260 3.82 -3.51 12.31
N ARG B 261 4.43 -2.32 12.41
CA ARG B 261 3.64 -1.10 12.56
C ARG B 261 2.71 -0.90 11.38
N ILE B 262 3.21 -1.10 10.15
CA ILE B 262 2.37 -0.86 8.98
C ILE B 262 1.26 -1.91 8.89
N ARG B 263 1.54 -3.15 9.31
CA ARG B 263 0.47 -4.15 9.36
C ARG B 263 -0.63 -3.73 10.32
N LYS B 264 -0.27 -3.14 11.45
CA LYS B 264 -1.29 -2.66 12.39
C LYS B 264 -2.15 -1.57 11.77
N ILE B 265 -1.51 -0.68 10.99
CA ILE B 265 -2.22 0.39 10.30
C ILE B 265 -3.14 -0.16 9.22
N LEU B 266 -2.69 -1.20 8.52
CA LEU B 266 -3.53 -1.84 7.51
C LEU B 266 -4.77 -2.47 8.15
N GLY B 267 -4.62 -3.06 9.34
CA GLY B 267 -5.77 -3.55 10.04
C GLY B 267 -6.36 -4.82 9.43
N HIS B 268 -7.60 -5.09 9.83
CA HIS B 268 -8.23 -6.35 9.46
C HIS B 268 -8.96 -6.28 8.13
N GLY B 269 -9.19 -5.10 7.58
CA GLY B 269 -9.81 -4.99 6.28
C GLY B 269 -11.29 -5.23 6.23
N LYS B 270 -11.92 -5.48 7.38
CA LYS B 270 -13.37 -5.66 7.43
C LYS B 270 -14.07 -4.31 7.37
N LEU B 271 -15.27 -4.29 6.79
CA LEU B 271 -16.09 -3.08 6.73
C LEU B 271 -16.97 -3.01 7.97
N GLU B 272 -16.33 -2.70 9.09
CA GLU B 272 -17.05 -2.53 10.33
C GLU B 272 -16.32 -1.44 11.09
N PRO B 273 -17.05 -0.59 11.82
CA PRO B 273 -16.40 0.56 12.47
C PRO B 273 -15.44 0.14 13.58
N GLN B 274 -14.46 1.00 13.84
CA GLN B 274 -13.56 0.80 14.97
C GLN B 274 -14.26 1.19 16.27
N ALA B 275 -13.82 0.56 17.37
CA ALA B 275 -14.40 0.87 18.68
C ALA B 275 -14.34 2.36 19.00
N SER B 276 -13.26 3.03 18.59
CA SER B 276 -13.09 4.44 18.86
C SER B 276 -14.09 5.32 18.10
N GLU B 277 -14.83 4.78 17.14
CA GLU B 277 -15.85 5.56 16.43
C GLU B 277 -17.17 5.63 17.20
N GLN B 278 -17.21 5.13 18.43
CA GLN B 278 -18.48 4.95 19.14
C GLN B 278 -19.19 6.28 19.40
N GLU B 279 -18.44 7.32 19.78
CA GLU B 279 -19.05 8.63 19.99
C GLU B 279 -19.76 9.13 18.74
N GLU B 280 -19.10 8.99 17.58
CA GLU B 280 -19.69 9.51 16.35
C GLU B 280 -20.86 8.66 15.89
N ILE B 281 -20.82 7.35 16.14
CA ILE B 281 -21.96 6.49 15.85
C ILE B 281 -23.19 6.93 16.65
N GLU B 282 -23.00 7.21 17.93
CA GLU B 282 -24.14 7.61 18.77
C GLU B 282 -24.71 8.96 18.34
N TYR B 283 -23.82 9.90 17.99
CA TYR B 283 -24.28 11.16 17.40
C TYR B 283 -25.07 10.90 16.13
N ARG B 284 -24.52 10.10 15.22
CA ARG B 284 -25.20 9.80 13.96
C ARG B 284 -26.57 9.20 14.20
N ASN B 285 -26.67 8.22 15.11
CA ASN B 285 -27.93 7.52 15.31
C ASN B 285 -28.98 8.39 15.99
N SER B 286 -28.55 9.42 16.72
CA SER B 286 -29.51 10.23 17.47
C SER B 286 -30.05 11.41 16.66
N LEU B 287 -29.28 11.93 15.71
CA LEU B 287 -29.65 13.18 15.04
C LEU B 287 -29.59 13.14 13.52
N ARG B 288 -28.87 12.20 12.92
CA ARG B 288 -28.62 12.26 11.49
C ARG B 288 -29.30 11.14 10.71
N ARG B 289 -30.18 10.37 11.35
CA ARG B 289 -30.93 9.34 10.65
C ARG B 289 -32.29 9.92 10.28
N LYS B 290 -32.27 10.76 9.25
CA LYS B 290 -33.45 11.50 8.82
C LYS B 290 -33.62 11.43 7.30
#